data_5Q0U
#
_entry.id   5Q0U
#
_cell.length_a   71.900
_cell.length_b   84.250
_cell.length_c   190.410
_cell.angle_alpha   90.000
_cell.angle_beta   90.000
_cell.angle_gamma   90.000
#
_symmetry.space_group_name_H-M   'C 2 2 21'
#
loop_
_entity.id
_entity.type
_entity.pdbx_description
1 polymer 'Bile acid receptor'
2 polymer 'COACTIVATOR PEPTIDE SRC-1 HD3'
3 non-polymer 'trans-4-({(2S)-2-[2-(4-chlorophenyl)-5,6-difluoro-1H-benzimidazol-1-yl]-2-cyclohexylacetyl}amino)cyclohexyl hydrogen sulfate'
4 water water
#
loop_
_entity_poly.entity_id
_entity_poly.type
_entity_poly.pdbx_seq_one_letter_code
_entity_poly.pdbx_strand_id
1 'polypeptide(L)'
;GSHMELTPDQQTLLHFIMDSYNKQRMPQEITNKILKEAFSAEENFLILTEMATNHVQVLVEFTKKLPGFQTLDHEDQIAL
LKGSAVEAMFLRSAEIFNKKLPSGHSDLLEARIRNSGISDEYITPMFSFYKSIGELKMTQEEYALLTAIVILSPDRQYIK
DREAVEKLQEPLLDVLQKLCKIHQPENPQHFACLLGRLTELRTFNHHHAEMLMSWRVNDHKFTPLLCEIWDVQ
;
A,C
2 'polypeptide(L)' KDHQLLRYLLDKDE B,D
#
loop_
_chem_comp.id
_chem_comp.type
_chem_comp.name
_chem_comp.formula
9LP non-polymer 'trans-4-({(2S)-2-[2-(4-chlorophenyl)-5,6-difluoro-1H-benzimidazol-1-yl]-2-cyclohexylacetyl}amino)cyclohexyl hydrogen sulfate' 'C27 H30 Cl F2 N3 O5 S'
#
# COMPACT_ATOMS: atom_id res chain seq x y z
N MET A 4 -31.34 -33.70 -18.95
CA MET A 4 -30.41 -33.36 -17.87
C MET A 4 -28.97 -33.32 -18.39
N GLU A 5 -28.50 -34.45 -18.94
CA GLU A 5 -27.19 -34.69 -19.54
C GLU A 5 -27.04 -33.88 -20.84
N LEU A 6 -25.80 -33.51 -21.22
CA LEU A 6 -25.54 -32.78 -22.46
C LEU A 6 -25.76 -33.71 -23.66
N THR A 7 -26.33 -33.19 -24.75
CA THR A 7 -26.55 -33.95 -25.99
C THR A 7 -25.21 -33.97 -26.78
N PRO A 8 -25.04 -34.87 -27.79
CA PRO A 8 -23.79 -34.83 -28.59
C PRO A 8 -23.50 -33.47 -29.21
N ASP A 9 -24.52 -32.79 -29.77
CA ASP A 9 -24.39 -31.45 -30.36
C ASP A 9 -23.94 -30.41 -29.33
N GLN A 10 -24.45 -30.51 -28.08
CA GLN A 10 -24.09 -29.58 -27.02
C GLN A 10 -22.65 -29.84 -26.56
N GLN A 11 -22.23 -31.12 -26.51
CA GLN A 11 -20.86 -31.48 -26.15
C GLN A 11 -19.88 -30.94 -27.19
N THR A 12 -20.27 -30.99 -28.49
CA THR A 12 -19.49 -30.45 -29.59
C THR A 12 -19.37 -28.94 -29.40
N LEU A 13 -20.50 -28.24 -29.14
CA LEU A 13 -20.51 -26.79 -28.94
C LEU A 13 -19.61 -26.39 -27.78
N LEU A 14 -19.74 -27.09 -26.65
CA LEU A 14 -18.94 -26.83 -25.46
C LEU A 14 -17.43 -26.98 -25.71
N HIS A 15 -16.98 -28.07 -26.34
CA HIS A 15 -15.55 -28.24 -26.59
C HIS A 15 -15.03 -27.21 -27.57
N PHE A 16 -15.86 -26.81 -28.56
CA PHE A 16 -15.48 -25.80 -29.53
C PHE A 16 -15.31 -24.41 -28.86
N ILE A 17 -16.25 -24.03 -27.95
CA ILE A 17 -16.17 -22.77 -27.22
C ILE A 17 -14.93 -22.77 -26.34
N MET A 18 -14.67 -23.88 -25.64
CA MET A 18 -13.49 -24.04 -24.78
C MET A 18 -12.17 -23.86 -25.52
N ASP A 19 -12.03 -24.51 -26.69
CA ASP A 19 -10.83 -24.43 -27.52
C ASP A 19 -10.59 -22.98 -27.97
N SER A 20 -11.66 -22.30 -28.42
CA SER A 20 -11.64 -20.90 -28.86
C SER A 20 -11.26 -19.96 -27.72
N TYR A 21 -11.82 -20.17 -26.51
CA TYR A 21 -11.55 -19.35 -25.33
C TYR A 21 -10.10 -19.49 -24.82
N ASN A 22 -9.51 -20.69 -25.00
CA ASN A 22 -8.16 -21.00 -24.53
C ASN A 22 -7.03 -20.29 -25.30
N LYS A 23 -7.35 -19.51 -26.35
CA LYS A 23 -6.35 -18.78 -27.14
C LYS A 23 -5.85 -17.47 -26.46
N GLN A 24 -6.32 -17.24 -25.23
CA GLN A 24 -5.93 -16.08 -24.41
CA GLN A 24 -5.98 -16.08 -24.41
C GLN A 24 -4.61 -16.28 -23.72
N ARG A 25 -4.04 -15.20 -23.13
CA ARG A 25 -2.76 -15.29 -22.40
C ARG A 25 -2.99 -16.13 -21.15
N MET A 26 -1.95 -16.80 -20.68
CA MET A 26 -2.06 -17.65 -19.50
C MET A 26 -2.22 -16.79 -18.24
N PRO A 27 -3.13 -17.13 -17.28
CA PRO A 27 -3.25 -16.32 -16.05
C PRO A 27 -1.94 -16.18 -15.28
N GLN A 28 -1.08 -17.24 -15.30
CA GLN A 28 0.24 -17.28 -14.66
C GLN A 28 1.15 -16.16 -15.16
N GLU A 29 1.20 -15.92 -16.49
CA GLU A 29 1.99 -14.89 -17.17
C GLU A 29 1.63 -13.50 -16.63
N ILE A 30 0.32 -13.28 -16.41
CA ILE A 30 -0.23 -12.02 -15.94
C ILE A 30 0.10 -11.79 -14.44
N THR A 31 -0.19 -12.80 -13.59
CA THR A 31 0.00 -12.71 -12.14
C THR A 31 1.47 -12.75 -11.74
N ASN A 32 2.33 -13.48 -12.49
CA ASN A 32 3.77 -13.56 -12.22
C ASN A 32 4.40 -12.18 -12.32
N LYS A 33 3.99 -11.39 -13.34
CA LYS A 33 4.46 -10.04 -13.60
C LYS A 33 4.08 -9.09 -12.46
N ILE A 34 2.80 -9.13 -12.01
CA ILE A 34 2.30 -8.29 -10.91
C ILE A 34 2.96 -8.68 -9.57
N LEU A 35 3.14 -9.99 -9.32
CA LEU A 35 3.71 -10.48 -8.06
C LEU A 35 5.23 -10.34 -7.93
N LYS A 36 5.97 -10.41 -9.05
CA LYS A 36 7.44 -10.34 -9.11
C LYS A 36 8.00 -9.08 -8.43
N GLU A 37 7.51 -7.90 -8.86
CA GLU A 37 7.97 -6.63 -8.32
C GLU A 37 6.88 -5.58 -8.33
N ALA A 38 6.95 -4.63 -7.40
CA ALA A 38 6.02 -3.51 -7.32
C ALA A 38 6.40 -2.52 -8.42
N PHE A 39 5.39 -1.97 -9.09
CA PHE A 39 5.61 -1.00 -10.16
C PHE A 39 4.98 0.33 -9.77
N SER A 40 5.41 1.42 -10.42
CA SER A 40 4.83 2.73 -10.17
C SER A 40 3.41 2.78 -10.84
N ALA A 41 2.61 3.80 -10.53
CA ALA A 41 1.28 3.95 -11.15
C ALA A 41 1.43 4.12 -12.68
N GLU A 42 2.53 4.80 -13.13
CA GLU A 42 2.84 5.02 -14.55
C GLU A 42 3.16 3.69 -15.25
N GLU A 43 3.95 2.82 -14.61
CA GLU A 43 4.32 1.51 -15.14
C GLU A 43 3.10 0.60 -15.21
N ASN A 44 2.19 0.67 -14.20
CA ASN A 44 0.98 -0.14 -14.18
C ASN A 44 -0.05 0.31 -15.23
N PHE A 45 -0.13 1.62 -15.48
CA PHE A 45 -1.04 2.12 -16.50
C PHE A 45 -0.64 1.58 -17.89
N LEU A 46 0.68 1.55 -18.17
CA LEU A 46 1.24 1.05 -19.43
C LEU A 46 0.99 -0.46 -19.57
N ILE A 47 1.12 -1.21 -18.45
CA ILE A 47 0.85 -2.66 -18.44
C ILE A 47 -0.64 -2.85 -18.77
N LEU A 48 -1.52 -2.05 -18.13
CA LEU A 48 -2.97 -2.12 -18.37
C LEU A 48 -3.34 -1.90 -19.84
N THR A 49 -2.81 -0.82 -20.45
CA THR A 49 -3.15 -0.53 -21.84
C THR A 49 -2.65 -1.60 -22.78
N GLU A 50 -1.44 -2.14 -22.55
CA GLU A 50 -0.91 -3.22 -23.38
C GLU A 50 -1.79 -4.49 -23.22
N MET A 51 -2.09 -4.87 -21.98
CA MET A 51 -2.93 -6.03 -21.68
C MET A 51 -4.33 -5.91 -22.27
N ALA A 52 -4.95 -4.72 -22.13
CA ALA A 52 -6.29 -4.46 -22.62
C ALA A 52 -6.35 -4.42 -24.14
N THR A 53 -5.32 -3.90 -24.83
CA THR A 53 -5.26 -3.89 -26.30
C THR A 53 -5.15 -5.34 -26.80
N ASN A 54 -4.31 -6.16 -26.18
CA ASN A 54 -4.20 -7.56 -26.57
C ASN A 54 -5.55 -8.29 -26.31
N HIS A 55 -6.21 -8.03 -25.16
CA HIS A 55 -7.50 -8.66 -24.85
CA HIS A 55 -7.49 -8.68 -24.87
C HIS A 55 -8.53 -8.34 -25.94
N VAL A 56 -8.58 -7.09 -26.44
CA VAL A 56 -9.56 -6.72 -27.49
C VAL A 56 -9.33 -7.60 -28.71
N GLN A 57 -8.06 -7.76 -29.11
CA GLN A 57 -7.70 -8.58 -30.27
C GLN A 57 -8.15 -10.03 -30.09
N VAL A 58 -7.89 -10.59 -28.92
CA VAL A 58 -8.26 -11.96 -28.59
C VAL A 58 -9.80 -12.11 -28.54
N LEU A 59 -10.49 -11.10 -28.00
CA LEU A 59 -11.94 -11.10 -27.92
C LEU A 59 -12.58 -11.09 -29.30
N VAL A 60 -12.06 -10.29 -30.25
CA VAL A 60 -12.60 -10.25 -31.61
C VAL A 60 -12.42 -11.63 -32.28
N GLU A 61 -11.26 -12.29 -32.09
CA GLU A 61 -10.99 -13.61 -32.65
C GLU A 61 -11.95 -14.67 -32.06
N PHE A 62 -12.23 -14.61 -30.74
CA PHE A 62 -13.15 -15.53 -30.05
C PHE A 62 -14.58 -15.29 -30.55
N THR A 63 -14.97 -14.01 -30.67
CA THR A 63 -16.30 -13.58 -31.11
C THR A 63 -16.60 -14.11 -32.51
N LYS A 64 -15.65 -13.96 -33.43
CA LYS A 64 -15.76 -14.43 -34.82
C LYS A 64 -15.98 -15.94 -34.93
N LYS A 65 -15.52 -16.71 -33.94
CA LYS A 65 -15.68 -18.16 -33.89
C LYS A 65 -17.04 -18.58 -33.33
N LEU A 66 -17.77 -17.68 -32.63
CA LEU A 66 -19.07 -18.03 -32.06
C LEU A 66 -20.05 -18.45 -33.14
N PRO A 67 -20.68 -19.64 -33.03
CA PRO A 67 -21.57 -20.11 -34.11
C PRO A 67 -22.65 -19.11 -34.50
N GLY A 68 -22.65 -18.79 -35.78
CA GLY A 68 -23.59 -17.85 -36.38
C GLY A 68 -23.21 -16.38 -36.30
N PHE A 69 -22.16 -15.99 -35.54
CA PHE A 69 -21.81 -14.57 -35.42
C PHE A 69 -21.54 -13.88 -36.79
N GLN A 70 -20.85 -14.59 -37.69
CA GLN A 70 -20.48 -14.10 -39.02
C GLN A 70 -21.68 -13.87 -39.94
N THR A 71 -22.82 -14.52 -39.65
CA THR A 71 -24.08 -14.41 -40.42
C THR A 71 -24.91 -13.20 -39.99
N LEU A 72 -24.56 -12.55 -38.88
CA LEU A 72 -25.28 -11.37 -38.39
C LEU A 72 -24.98 -10.14 -39.24
N ASP A 73 -25.88 -9.14 -39.20
CA ASP A 73 -25.71 -7.86 -39.89
C ASP A 73 -24.40 -7.24 -39.39
N HIS A 74 -23.58 -6.68 -40.30
CA HIS A 74 -22.27 -6.10 -39.98
C HIS A 74 -22.31 -4.99 -38.95
N GLU A 75 -23.35 -4.15 -38.97
CA GLU A 75 -23.46 -3.08 -37.98
C GLU A 75 -23.79 -3.66 -36.61
N ASP A 76 -24.59 -4.74 -36.58
CA ASP A 76 -24.96 -5.43 -35.34
C ASP A 76 -23.75 -6.11 -34.73
N GLN A 77 -22.85 -6.66 -35.58
CA GLN A 77 -21.58 -7.26 -35.16
C GLN A 77 -20.73 -6.26 -34.40
N ILE A 78 -20.59 -5.03 -34.93
CA ILE A 78 -19.83 -3.96 -34.29
C ILE A 78 -20.47 -3.59 -32.96
N ALA A 79 -21.82 -3.42 -32.95
CA ALA A 79 -22.57 -3.06 -31.72
C ALA A 79 -22.37 -4.09 -30.61
N LEU A 80 -22.38 -5.39 -30.98
CA LEU A 80 -22.17 -6.47 -30.01
C LEU A 80 -20.77 -6.42 -29.45
N LEU A 81 -19.78 -6.17 -30.31
CA LEU A 81 -18.37 -6.11 -29.87
C LEU A 81 -18.12 -4.95 -28.97
N LYS A 82 -18.54 -3.74 -29.38
CA LYS A 82 -18.37 -2.53 -28.59
C LYS A 82 -19.15 -2.58 -27.27
N GLY A 83 -20.32 -3.21 -27.28
CA GLY A 83 -21.16 -3.32 -26.09
C GLY A 83 -20.65 -4.28 -25.04
N SER A 84 -19.84 -5.27 -25.45
CA SER A 84 -19.37 -6.32 -24.52
C SER A 84 -17.89 -6.27 -24.12
N ALA A 85 -17.06 -5.50 -24.84
CA ALA A 85 -15.59 -5.52 -24.62
C ALA A 85 -15.13 -5.23 -23.20
N VAL A 86 -15.67 -4.17 -22.57
CA VAL A 86 -15.28 -3.83 -21.21
C VAL A 86 -15.71 -4.91 -20.24
N GLU A 87 -16.97 -5.36 -20.37
CA GLU A 87 -17.50 -6.40 -19.47
C GLU A 87 -16.67 -7.67 -19.61
N ALA A 88 -16.30 -8.04 -20.82
CA ALA A 88 -15.51 -9.28 -21.00
C ALA A 88 -14.12 -9.16 -20.38
N MET A 89 -13.54 -7.96 -20.44
CA MET A 89 -12.22 -7.70 -19.86
C MET A 89 -12.29 -7.81 -18.32
N PHE A 90 -13.36 -7.34 -17.68
CA PHE A 90 -13.52 -7.44 -16.24
C PHE A 90 -13.84 -8.85 -15.81
N LEU A 91 -14.62 -9.58 -16.60
CA LEU A 91 -14.94 -10.97 -16.28
C LEU A 91 -13.64 -11.80 -16.38
N ARG A 92 -12.81 -11.55 -17.39
CA ARG A 92 -11.53 -12.24 -17.52
C ARG A 92 -10.59 -11.85 -16.35
N SER A 93 -10.58 -10.56 -15.94
CA SER A 93 -9.76 -10.15 -14.79
C SER A 93 -10.26 -10.86 -13.52
N ALA A 94 -11.59 -11.03 -13.38
CA ALA A 94 -12.16 -11.71 -12.21
C ALA A 94 -11.75 -13.18 -12.21
N GLU A 95 -11.71 -13.80 -13.38
CA GLU A 95 -11.30 -15.19 -13.52
C GLU A 95 -9.84 -15.35 -13.04
N ILE A 96 -8.95 -14.49 -13.53
CA ILE A 96 -7.52 -14.51 -13.18
C ILE A 96 -7.37 -14.24 -11.69
N PHE A 97 -8.11 -13.24 -11.17
CA PHE A 97 -8.06 -12.93 -9.73
C PHE A 97 -8.35 -14.12 -8.84
N ASN A 98 -9.32 -14.95 -9.23
CA ASN A 98 -9.78 -16.09 -8.42
C ASN A 98 -9.08 -17.42 -8.71
N LYS A 99 -8.02 -17.43 -9.53
CA LYS A 99 -7.22 -18.65 -9.78
C LYS A 99 -6.38 -18.92 -8.52
N LYS A 100 -6.34 -20.18 -8.06
CA LYS A 100 -5.59 -20.58 -6.87
C LYS A 100 -4.08 -20.37 -7.06
N LEU A 101 -3.47 -19.69 -6.09
CA LEU A 101 -2.04 -19.41 -6.06
C LEU A 101 -1.44 -19.91 -4.73
N PRO A 102 -0.09 -20.05 -4.59
CA PRO A 102 0.46 -20.47 -3.28
C PRO A 102 0.07 -19.53 -2.14
N SER A 103 0.16 -20.00 -0.88
CA SER A 103 -0.18 -19.25 0.35
C SER A 103 0.41 -17.83 0.36
N GLY A 104 -0.46 -16.85 0.62
CA GLY A 104 -0.10 -15.43 0.68
C GLY A 104 0.00 -14.70 -0.65
N HIS A 105 0.06 -15.43 -1.78
CA HIS A 105 0.19 -14.84 -3.12
C HIS A 105 -1.04 -14.06 -3.57
N SER A 106 -2.26 -14.55 -3.26
CA SER A 106 -3.49 -13.83 -3.64
C SER A 106 -3.66 -12.55 -2.85
N ASP A 107 -3.20 -12.54 -1.58
CA ASP A 107 -3.21 -11.36 -0.71
C ASP A 107 -2.30 -10.29 -1.32
N LEU A 108 -1.09 -10.68 -1.79
CA LEU A 108 -0.14 -9.77 -2.42
C LEU A 108 -0.67 -9.27 -3.75
N LEU A 109 -1.31 -10.16 -4.54
CA LEU A 109 -1.93 -9.79 -5.82
C LEU A 109 -2.98 -8.70 -5.61
N GLU A 110 -3.85 -8.89 -4.61
CA GLU A 110 -4.91 -7.95 -4.26
C GLU A 110 -4.30 -6.60 -3.82
N ALA A 111 -3.30 -6.63 -2.92
CA ALA A 111 -2.61 -5.44 -2.43
C ALA A 111 -1.94 -4.65 -3.57
N ARG A 112 -1.31 -5.37 -4.53
CA ARG A 112 -0.65 -4.77 -5.69
C ARG A 112 -1.67 -4.09 -6.61
N ILE A 113 -2.84 -4.71 -6.85
CA ILE A 113 -3.91 -4.13 -7.69
C ILE A 113 -4.49 -2.92 -6.99
N ARG A 114 -4.74 -3.02 -5.65
CA ARG A 114 -5.27 -1.93 -4.82
CA ARG A 114 -5.27 -1.92 -4.83
C ARG A 114 -4.36 -0.69 -4.91
N ASN A 115 -3.04 -0.89 -5.01
CA ASN A 115 -2.05 0.18 -5.11
C ASN A 115 -1.50 0.44 -6.53
N SER A 116 -2.22 -0.02 -7.56
CA SER A 116 -1.79 0.11 -8.96
C SER A 116 -1.88 1.52 -9.57
N GLY A 117 -2.68 2.38 -8.98
CA GLY A 117 -2.87 3.74 -9.47
C GLY A 117 -4.33 4.09 -9.65
N ILE A 118 -5.20 3.08 -9.70
CA ILE A 118 -6.65 3.24 -9.79
C ILE A 118 -7.20 3.97 -8.55
N SER A 119 -8.26 4.81 -8.73
CA SER A 119 -8.90 5.60 -7.65
C SER A 119 -9.61 4.71 -6.67
N ASP A 120 -9.62 5.09 -5.37
CA ASP A 120 -10.26 4.32 -4.28
C ASP A 120 -11.76 4.08 -4.50
N GLU A 121 -12.46 5.04 -5.12
CA GLU A 121 -13.89 4.95 -5.42
C GLU A 121 -14.26 3.78 -6.34
N TYR A 122 -13.29 3.31 -7.15
CA TYR A 122 -13.52 2.20 -8.05
C TYR A 122 -12.99 0.89 -7.54
N ILE A 123 -12.12 0.92 -6.52
CA ILE A 123 -11.49 -0.28 -5.93
C ILE A 123 -12.52 -1.15 -5.23
N THR A 124 -13.37 -0.56 -4.37
CA THR A 124 -14.40 -1.29 -3.63
C THR A 124 -15.40 -2.00 -4.58
N PRO A 125 -16.05 -1.33 -5.57
CA PRO A 125 -16.95 -2.08 -6.48
C PRO A 125 -16.25 -3.16 -7.30
N MET A 126 -14.97 -2.94 -7.63
CA MET A 126 -14.19 -3.90 -8.42
C MET A 126 -13.90 -5.17 -7.64
N PHE A 127 -13.40 -5.03 -6.41
CA PHE A 127 -13.09 -6.20 -5.58
C PHE A 127 -14.36 -6.90 -5.10
N SER A 128 -15.45 -6.15 -4.81
CA SER A 128 -16.75 -6.73 -4.44
C SER A 128 -17.19 -7.68 -5.58
N PHE A 129 -17.09 -7.25 -6.85
CA PHE A 129 -17.42 -8.09 -8.01
C PHE A 129 -16.48 -9.31 -8.11
N TYR A 130 -15.14 -9.11 -8.04
CA TYR A 130 -14.16 -10.22 -8.12
C TYR A 130 -14.40 -11.24 -7.02
N LYS A 131 -14.72 -10.78 -5.81
CA LYS A 131 -14.97 -11.68 -4.68
C LYS A 131 -16.30 -12.42 -4.82
N SER A 132 -17.34 -11.74 -5.34
CA SER A 132 -18.66 -12.35 -5.59
C SER A 132 -18.56 -13.42 -6.67
N ILE A 133 -17.73 -13.17 -7.71
CA ILE A 133 -17.45 -14.14 -8.78
C ILE A 133 -16.75 -15.37 -8.18
N GLY A 134 -15.76 -15.12 -7.34
CA GLY A 134 -14.97 -16.16 -6.68
C GLY A 134 -15.75 -17.08 -5.76
N GLU A 135 -16.84 -16.57 -5.15
CA GLU A 135 -17.69 -17.37 -4.26
C GLU A 135 -18.54 -18.37 -5.06
N LEU A 136 -18.72 -18.12 -6.38
CA LEU A 136 -19.44 -19.02 -7.26
C LEU A 136 -18.63 -20.25 -7.66
N LYS A 137 -17.30 -20.26 -7.36
CA LYS A 137 -16.39 -21.38 -7.65
C LYS A 137 -16.64 -21.92 -9.07
N MET A 138 -16.49 -21.00 -10.05
CA MET A 138 -16.74 -21.27 -11.45
C MET A 138 -15.63 -22.08 -12.08
N THR A 139 -16.01 -22.97 -13.00
CA THR A 139 -15.05 -23.80 -13.74
C THR A 139 -14.67 -23.04 -15.01
N GLN A 140 -13.64 -23.52 -15.71
CA GLN A 140 -13.19 -22.94 -16.98
C GLN A 140 -14.31 -22.84 -18.04
N GLU A 141 -15.12 -23.92 -18.16
CA GLU A 141 -16.24 -24.00 -19.11
C GLU A 141 -17.30 -22.94 -18.80
N GLU A 142 -17.55 -22.69 -17.51
CA GLU A 142 -18.51 -21.67 -17.07
C GLU A 142 -18.05 -20.27 -17.45
N TYR A 143 -16.74 -19.98 -17.33
CA TYR A 143 -16.22 -18.65 -17.73
C TYR A 143 -16.31 -18.47 -19.26
N ALA A 144 -15.97 -19.53 -20.01
CA ALA A 144 -15.99 -19.48 -21.48
C ALA A 144 -17.41 -19.26 -21.99
N LEU A 145 -18.39 -20.02 -21.44
CA LEU A 145 -19.80 -19.87 -21.83
C LEU A 145 -20.37 -18.53 -21.39
N LEU A 146 -20.07 -18.10 -20.16
CA LEU A 146 -20.57 -16.81 -19.68
C LEU A 146 -20.05 -15.65 -20.56
N THR A 147 -18.80 -15.72 -21.01
CA THR A 147 -18.18 -14.71 -21.90
C THR A 147 -18.92 -14.69 -23.24
N ALA A 148 -19.21 -15.88 -23.80
CA ALA A 148 -19.99 -15.96 -25.06
C ALA A 148 -21.40 -15.40 -24.87
N ILE A 149 -22.03 -15.66 -23.73
CA ILE A 149 -23.38 -15.14 -23.40
C ILE A 149 -23.36 -13.61 -23.29
N VAL A 150 -22.32 -13.06 -22.63
CA VAL A 150 -22.12 -11.61 -22.48
C VAL A 150 -22.00 -10.95 -23.88
N ILE A 151 -21.22 -11.56 -24.79
CA ILE A 151 -21.01 -11.02 -26.15
C ILE A 151 -22.34 -11.07 -26.96
N LEU A 152 -23.03 -12.20 -26.90
CA LEU A 152 -24.26 -12.39 -27.64
C LEU A 152 -25.50 -11.88 -26.88
N SER A 153 -25.40 -10.70 -26.26
CA SER A 153 -26.52 -10.10 -25.52
C SER A 153 -27.45 -9.37 -26.49
N PRO A 154 -28.69 -9.85 -26.70
CA PRO A 154 -29.58 -9.20 -27.68
C PRO A 154 -30.07 -7.83 -27.25
N ASP A 155 -29.97 -7.53 -25.96
CA ASP A 155 -30.42 -6.27 -25.39
C ASP A 155 -29.39 -5.13 -25.50
N ARG A 156 -28.34 -5.26 -26.34
CA ARG A 156 -27.35 -4.16 -26.46
C ARG A 156 -27.96 -2.97 -27.21
N GLN A 157 -27.46 -1.77 -26.88
CA GLN A 157 -27.86 -0.53 -27.52
C GLN A 157 -27.35 -0.55 -28.97
N TYR A 158 -28.20 -0.11 -29.91
CA TYR A 158 -27.99 0.01 -31.36
C TYR A 158 -28.23 -1.30 -32.14
N ILE A 159 -28.60 -2.41 -31.45
CA ILE A 159 -28.90 -3.68 -32.12
C ILE A 159 -30.19 -3.53 -32.91
N LYS A 160 -30.13 -3.78 -34.23
CA LYS A 160 -31.29 -3.67 -35.12
C LYS A 160 -32.15 -4.92 -35.10
N ASP A 161 -31.53 -6.11 -35.20
CA ASP A 161 -32.24 -7.39 -35.23
C ASP A 161 -31.89 -8.21 -33.98
N ARG A 162 -32.68 -8.00 -32.93
CA ARG A 162 -32.51 -8.64 -31.63
C ARG A 162 -32.79 -10.13 -31.68
N GLU A 163 -33.81 -10.56 -32.46
CA GLU A 163 -34.23 -11.95 -32.60
C GLU A 163 -33.10 -12.83 -33.14
N ALA A 164 -32.32 -12.31 -34.13
CA ALA A 164 -31.18 -13.02 -34.70
C ALA A 164 -30.12 -13.26 -33.61
N VAL A 165 -29.91 -12.28 -32.71
CA VAL A 165 -28.96 -12.39 -31.60
C VAL A 165 -29.49 -13.40 -30.55
N GLU A 166 -30.80 -13.30 -30.18
CA GLU A 166 -31.45 -14.20 -29.22
C GLU A 166 -31.25 -15.65 -29.64
N LYS A 167 -31.45 -15.96 -30.94
CA LYS A 167 -31.28 -17.30 -31.50
C LYS A 167 -29.86 -17.85 -31.31
N LEU A 168 -28.85 -16.98 -31.35
CA LEU A 168 -27.45 -17.43 -31.19
C LEU A 168 -27.08 -17.61 -29.74
N GLN A 169 -27.69 -16.81 -28.85
CA GLN A 169 -27.46 -16.85 -27.41
C GLN A 169 -28.16 -18.02 -26.75
N GLU A 170 -29.40 -18.35 -27.20
CA GLU A 170 -30.21 -19.41 -26.59
C GLU A 170 -29.48 -20.76 -26.44
N PRO A 171 -28.84 -21.37 -27.47
CA PRO A 171 -28.15 -22.65 -27.22
C PRO A 171 -27.00 -22.58 -26.21
N LEU A 172 -26.34 -21.40 -26.05
CA LEU A 172 -25.26 -21.26 -25.06
C LEU A 172 -25.84 -21.22 -23.65
N LEU A 173 -26.99 -20.54 -23.49
CA LEU A 173 -27.68 -20.49 -22.19
C LEU A 173 -28.14 -21.89 -21.78
N ASP A 174 -28.62 -22.68 -22.75
CA ASP A 174 -29.08 -24.06 -22.52
C ASP A 174 -27.95 -24.95 -22.00
N VAL A 175 -26.78 -24.88 -22.64
CA VAL A 175 -25.57 -25.62 -22.23
C VAL A 175 -25.11 -25.20 -20.83
N LEU A 176 -25.03 -23.88 -20.59
CA LEU A 176 -24.60 -23.39 -19.28
C LEU A 176 -25.52 -23.91 -18.17
N GLN A 177 -26.84 -23.84 -18.37
CA GLN A 177 -27.84 -24.31 -17.40
C GLN A 177 -27.65 -25.80 -17.07
N LYS A 178 -27.38 -26.63 -18.10
CA LYS A 178 -27.13 -28.06 -17.90
C LYS A 178 -25.85 -28.27 -17.07
N LEU A 179 -24.77 -27.54 -17.40
CA LEU A 179 -23.50 -27.63 -16.68
C LEU A 179 -23.65 -27.26 -15.24
N CYS A 180 -24.43 -26.20 -14.93
CA CYS A 180 -24.71 -25.77 -13.55
C CYS A 180 -25.43 -26.87 -12.77
N LYS A 181 -26.39 -27.56 -13.43
CA LYS A 181 -27.12 -28.68 -12.84
C LYS A 181 -26.24 -29.92 -12.62
N ILE A 182 -25.17 -30.08 -13.45
CA ILE A 182 -24.23 -31.20 -13.37
C ILE A 182 -23.11 -30.93 -12.34
N HIS A 183 -22.42 -29.78 -12.47
CA HIS A 183 -21.30 -29.31 -11.64
C HIS A 183 -21.70 -29.06 -10.20
N GLN A 184 -22.88 -28.47 -9.99
CA GLN A 184 -23.35 -28.07 -8.66
C GLN A 184 -24.81 -28.51 -8.42
N PRO A 185 -25.10 -29.82 -8.30
CA PRO A 185 -26.50 -30.25 -8.06
C PRO A 185 -27.03 -29.89 -6.67
N GLU A 186 -26.11 -29.64 -5.71
CA GLU A 186 -26.46 -29.25 -4.33
C GLU A 186 -26.93 -27.78 -4.25
N ASN A 187 -26.53 -26.94 -5.23
CA ASN A 187 -26.88 -25.53 -5.32
C ASN A 187 -27.79 -25.29 -6.55
N PRO A 188 -29.14 -25.36 -6.39
CA PRO A 188 -30.03 -25.17 -7.56
C PRO A 188 -30.12 -23.73 -8.05
N GLN A 189 -29.58 -22.77 -7.27
CA GLN A 189 -29.56 -21.35 -7.61
C GLN A 189 -28.31 -20.95 -8.40
N HIS A 190 -27.37 -21.88 -8.65
CA HIS A 190 -26.09 -21.60 -9.34
C HIS A 190 -26.24 -20.93 -10.70
N PHE A 191 -27.17 -21.42 -11.54
CA PHE A 191 -27.39 -20.82 -12.87
C PHE A 191 -27.90 -19.40 -12.75
N ALA A 192 -28.91 -19.19 -11.89
CA ALA A 192 -29.50 -17.87 -11.62
C ALA A 192 -28.44 -16.91 -11.06
N CYS A 193 -27.59 -17.35 -10.10
N CYS A 193 -27.58 -17.42 -10.14
CA CYS A 193 -26.55 -16.44 -9.59
CA CYS A 193 -26.44 -16.75 -9.50
C CYS A 193 -25.51 -16.09 -10.66
C CYS A 193 -25.51 -16.18 -10.57
N LEU A 194 -25.14 -17.03 -11.55
CA LEU A 194 -24.22 -16.70 -12.66
C LEU A 194 -24.84 -15.58 -13.54
N LEU A 195 -26.14 -15.71 -13.87
CA LEU A 195 -26.86 -14.72 -14.69
C LEU A 195 -27.04 -13.38 -13.95
N GLY A 196 -27.20 -13.44 -12.63
CA GLY A 196 -27.35 -12.27 -11.78
C GLY A 196 -26.09 -11.41 -11.74
N ARG A 197 -24.93 -12.07 -11.73
CA ARG A 197 -23.60 -11.45 -11.80
C ARG A 197 -23.41 -10.70 -13.13
N LEU A 198 -24.07 -11.16 -14.20
CA LEU A 198 -24.02 -10.49 -15.50
C LEU A 198 -24.63 -9.11 -15.45
N THR A 199 -25.61 -8.93 -14.54
CA THR A 199 -26.26 -7.65 -14.28
C THR A 199 -25.29 -6.73 -13.52
N GLU A 200 -24.51 -7.30 -12.58
CA GLU A 200 -23.54 -6.54 -11.80
C GLU A 200 -22.39 -6.11 -12.71
N LEU A 201 -22.01 -6.98 -13.65
CA LEU A 201 -20.96 -6.70 -14.62
C LEU A 201 -21.28 -5.46 -15.46
N ARG A 202 -22.55 -5.29 -15.93
CA ARG A 202 -22.99 -4.13 -16.72
C ARG A 202 -22.73 -2.76 -16.04
N THR A 203 -22.66 -2.72 -14.70
CA THR A 203 -22.36 -1.46 -13.95
C THR A 203 -20.96 -0.92 -14.27
N PHE A 204 -20.00 -1.79 -14.72
CA PHE A 204 -18.65 -1.38 -15.08
C PHE A 204 -18.61 -0.55 -16.37
N ASN A 205 -19.69 -0.59 -17.17
CA ASN A 205 -19.78 0.20 -18.40
C ASN A 205 -19.94 1.66 -18.15
N HIS A 206 -20.83 2.00 -17.21
CA HIS A 206 -21.16 3.38 -16.91
C HIS A 206 -19.94 4.20 -16.53
N HIS A 207 -19.04 3.63 -15.71
CA HIS A 207 -17.87 4.37 -15.26
C HIS A 207 -16.52 3.88 -15.82
N HIS A 208 -16.51 3.06 -16.91
CA HIS A 208 -15.23 2.57 -17.42
C HIS A 208 -14.26 3.69 -17.80
N ALA A 209 -14.71 4.70 -18.55
CA ALA A 209 -13.90 5.82 -19.01
C ALA A 209 -13.32 6.62 -17.82
N GLU A 210 -14.15 6.89 -16.81
CA GLU A 210 -13.81 7.60 -15.58
C GLU A 210 -12.77 6.83 -14.76
N MET A 211 -12.88 5.47 -14.72
CA MET A 211 -11.94 4.58 -14.02
C MET A 211 -10.53 4.75 -14.58
N LEU A 212 -10.41 4.76 -15.92
CA LEU A 212 -9.15 4.91 -16.63
C LEU A 212 -8.57 6.31 -16.53
N MET A 213 -9.41 7.35 -16.74
CA MET A 213 -9.01 8.75 -16.68
C MET A 213 -8.62 9.22 -15.28
N SER A 214 -9.13 8.53 -14.24
CA SER A 214 -8.80 8.89 -12.88
C SER A 214 -7.58 8.13 -12.33
N TRP A 215 -6.94 7.30 -13.18
CA TRP A 215 -5.71 6.60 -12.80
C TRP A 215 -4.68 7.65 -12.42
N ARG A 216 -3.98 7.48 -11.26
CA ARG A 216 -3.00 8.46 -10.73
C ARG A 216 -1.74 8.59 -11.57
N VAL A 217 -1.88 9.10 -12.80
CA VAL A 217 -0.78 9.35 -13.73
C VAL A 217 -0.96 10.74 -14.35
N ASN A 218 0.14 11.33 -14.84
CA ASN A 218 0.17 12.65 -15.47
C ASN A 218 -0.50 12.65 -16.84
N ASP A 219 -0.18 11.62 -17.65
CA ASP A 219 -0.66 11.45 -19.01
C ASP A 219 -1.38 10.11 -19.16
N HIS A 220 -2.55 10.11 -19.80
CA HIS A 220 -3.33 8.91 -20.05
C HIS A 220 -3.29 8.62 -21.54
N LYS A 221 -2.21 7.96 -21.98
CA LYS A 221 -1.99 7.61 -23.38
C LYS A 221 -2.59 6.22 -23.64
N PHE A 222 -3.53 6.15 -24.60
CA PHE A 222 -4.20 4.90 -24.98
C PHE A 222 -3.83 4.56 -26.42
N THR A 223 -4.07 3.30 -26.84
CA THR A 223 -3.75 2.87 -28.19
C THR A 223 -4.95 3.20 -29.09
N PRO A 224 -4.78 3.37 -30.43
CA PRO A 224 -5.97 3.63 -31.28
C PRO A 224 -7.08 2.58 -31.18
N LEU A 225 -6.72 1.31 -30.94
CA LEU A 225 -7.73 0.25 -30.81
C LEU A 225 -8.53 0.43 -29.49
N LEU A 226 -7.84 0.79 -28.39
CA LEU A 226 -8.54 1.03 -27.11
C LEU A 226 -9.44 2.25 -27.19
N CYS A 227 -9.02 3.28 -27.93
CA CYS A 227 -9.84 4.48 -28.13
C CYS A 227 -11.17 4.19 -28.78
N GLU A 228 -11.23 3.19 -29.66
CA GLU A 228 -12.46 2.79 -30.36
C GLU A 228 -13.40 2.04 -29.44
N ILE A 229 -12.84 1.14 -28.63
CA ILE A 229 -13.57 0.22 -27.76
C ILE A 229 -13.99 0.87 -26.44
N TRP A 230 -13.12 1.72 -25.87
CA TRP A 230 -13.38 2.43 -24.63
C TRP A 230 -13.85 3.83 -24.97
N ASP A 231 -14.48 4.51 -24.07
CA ASP A 231 -14.93 5.84 -24.46
C ASP A 231 -13.89 6.89 -24.02
N VAL A 232 -12.67 6.78 -24.59
CA VAL A 232 -11.48 7.62 -24.28
C VAL A 232 -10.83 8.23 -25.53
N GLN A 233 -10.08 9.34 -25.35
CA GLN A 233 -9.42 10.06 -26.44
C GLN A 233 -7.91 9.87 -26.45
N ASP B 2 -16.39 6.71 -35.12
CA ASP B 2 -16.12 5.67 -36.11
C ASP B 2 -15.34 4.53 -35.46
N HIS B 3 -15.55 3.29 -35.95
CA HIS B 3 -14.88 2.09 -35.40
C HIS B 3 -14.18 1.35 -36.54
N GLN B 4 -13.30 2.05 -37.24
CA GLN B 4 -12.62 1.52 -38.41
C GLN B 4 -11.64 0.35 -38.11
N LEU B 5 -10.99 0.36 -36.92
CA LEU B 5 -10.07 -0.72 -36.56
C LEU B 5 -10.85 -1.99 -36.21
N LEU B 6 -11.98 -1.83 -35.49
CA LEU B 6 -12.89 -2.93 -35.13
C LEU B 6 -13.47 -3.55 -36.36
N ARG B 7 -13.96 -2.70 -37.29
CA ARG B 7 -14.53 -3.11 -38.58
C ARG B 7 -13.49 -3.88 -39.39
N TYR B 8 -12.22 -3.44 -39.35
CA TYR B 8 -11.13 -4.10 -40.06
C TYR B 8 -10.83 -5.49 -39.45
N LEU B 9 -10.72 -5.57 -38.11
CA LEU B 9 -10.49 -6.84 -37.40
C LEU B 9 -11.66 -7.82 -37.61
N LEU B 10 -12.89 -7.27 -37.72
CA LEU B 10 -14.08 -8.09 -37.97
C LEU B 10 -14.16 -8.62 -39.39
N ASP B 11 -13.78 -7.79 -40.39
CA ASP B 11 -13.90 -8.13 -41.82
C ASP B 11 -12.67 -8.81 -42.46
N LYS B 12 -11.52 -8.89 -41.75
CA LYS B 12 -10.33 -9.54 -42.31
C LYS B 12 -10.49 -11.08 -42.33
N ASP B 13 -9.69 -11.77 -43.17
CA ASP B 13 -9.69 -13.23 -43.37
C ASP B 13 -10.99 -13.73 -44.01
N MET C 4 -4.58 7.87 0.89
CA MET C 4 -3.24 7.35 0.66
C MET C 4 -2.25 8.44 0.17
N GLU C 5 -2.51 9.14 -0.96
CA GLU C 5 -1.60 10.19 -1.43
C GLU C 5 -1.59 11.41 -0.51
N LEU C 6 -0.41 12.04 -0.31
CA LEU C 6 -0.31 13.24 0.53
C LEU C 6 -0.94 14.42 -0.18
N THR C 7 -1.61 15.30 0.57
CA THR C 7 -2.20 16.53 -0.01
C THR C 7 -1.08 17.58 -0.11
N PRO C 8 -1.21 18.66 -0.93
CA PRO C 8 -0.17 19.70 -0.98
C PRO C 8 0.19 20.28 0.40
N ASP C 9 -0.84 20.56 1.25
CA ASP C 9 -0.64 21.06 2.63
C ASP C 9 0.14 20.09 3.49
N GLN C 10 -0.10 18.77 3.33
CA GLN C 10 0.62 17.73 4.10
C GLN C 10 2.07 17.65 3.62
N GLN C 11 2.30 17.80 2.30
CA GLN C 11 3.64 17.80 1.72
C GLN C 11 4.43 19.01 2.24
N THR C 12 3.75 20.19 2.40
CA THR C 12 4.32 21.42 2.98
C THR C 12 4.70 21.15 4.46
N LEU C 13 3.78 20.55 5.24
CA LEU C 13 4.02 20.20 6.65
C LEU C 13 5.23 19.25 6.77
N LEU C 14 5.26 18.21 5.93
CA LEU C 14 6.33 17.23 5.89
C LEU C 14 7.70 17.86 5.60
N HIS C 15 7.82 18.73 4.57
CA HIS C 15 9.11 19.38 4.29
C HIS C 15 9.54 20.32 5.42
N PHE C 16 8.57 21.00 6.06
CA PHE C 16 8.87 21.88 7.20
C PHE C 16 9.41 21.06 8.41
N ILE C 17 8.80 19.90 8.70
CA ILE C 17 9.23 19.02 9.82
C ILE C 17 10.63 18.51 9.50
N MET C 18 10.85 18.06 8.24
CA MET C 18 12.15 17.56 7.79
C MET C 18 13.27 18.58 7.93
N ASP C 19 13.05 19.83 7.49
CA ASP C 19 14.02 20.92 7.60
C ASP C 19 14.39 21.17 9.05
N SER C 20 13.38 21.22 9.94
CA SER C 20 13.54 21.42 11.39
C SER C 20 14.34 20.27 12.03
N TYR C 21 14.04 19.01 11.65
CA TYR C 21 14.72 17.80 12.15
C TYR C 21 16.20 17.72 11.72
N ASN C 22 16.50 18.26 10.53
CA ASN C 22 17.84 18.21 9.94
C ASN C 22 18.88 19.13 10.62
N LYS C 23 18.48 19.91 11.64
CA LYS C 23 19.38 20.80 12.38
C LYS C 23 20.26 20.04 13.42
N GLN C 24 20.13 18.71 13.42
CA GLN C 24 20.85 17.78 14.30
C GLN C 24 22.29 17.55 13.80
N ARG C 25 23.16 16.98 14.67
CA ARG C 25 24.53 16.61 14.28
C ARG C 25 24.43 15.50 13.22
N MET C 26 25.41 15.42 12.33
CA MET C 26 25.42 14.40 11.29
C MET C 26 25.71 13.02 11.91
N PRO C 27 24.98 11.94 11.52
CA PRO C 27 25.29 10.60 12.08
C PRO C 27 26.75 10.18 11.90
N GLN C 28 27.38 10.57 10.76
CA GLN C 28 28.78 10.31 10.43
C GLN C 28 29.74 10.84 11.50
N GLU C 29 29.53 12.09 11.96
CA GLU C 29 30.31 12.78 13.00
C GLU C 29 30.32 11.97 14.29
N ILE C 30 29.17 11.40 14.64
CA ILE C 30 28.96 10.61 15.84
C ILE C 30 29.65 9.23 15.75
N THR C 31 29.41 8.50 14.66
CA THR C 31 29.94 7.15 14.46
C THR C 31 31.43 7.16 14.16
N ASN C 32 31.96 8.20 13.48
CA ASN C 32 33.39 8.33 13.18
C ASN C 32 34.19 8.40 14.48
N LYS C 33 33.70 9.15 15.48
CA LYS C 33 34.30 9.31 16.81
C LYS C 33 34.37 7.97 17.56
N ILE C 34 33.24 7.22 17.58
CA ILE C 34 33.16 5.91 18.25
C ILE C 34 34.04 4.87 17.54
N LEU C 35 34.07 4.87 16.19
CA LEU C 35 34.82 3.89 15.40
C LEU C 35 36.34 4.16 15.36
N LYS C 36 36.77 5.43 15.39
CA LYS C 36 38.17 5.86 15.32
C LYS C 36 39.06 5.19 16.37
N GLU C 37 38.68 5.28 17.65
CA GLU C 37 39.45 4.69 18.74
C GLU C 37 38.57 4.26 19.89
N ALA C 38 39.02 3.25 20.63
CA ALA C 38 38.35 2.74 21.81
C ALA C 38 38.62 3.73 22.95
N PHE C 39 37.60 4.00 23.76
CA PHE C 39 37.73 4.91 24.89
C PHE C 39 37.43 4.17 26.19
N SER C 40 37.87 4.71 27.33
CA SER C 40 37.60 4.10 28.63
C SER C 40 36.12 4.36 29.00
N ALA C 41 35.60 3.69 30.05
CA ALA C 41 34.21 3.93 30.50
C ALA C 41 34.04 5.39 30.95
N GLU C 42 35.10 5.99 31.57
CA GLU C 42 35.12 7.38 32.03
C GLU C 42 35.03 8.35 30.84
N GLU C 43 35.81 8.08 29.77
CA GLU C 43 35.80 8.91 28.55
C GLU C 43 34.46 8.80 27.84
N ASN C 44 33.85 7.60 27.81
CA ASN C 44 32.54 7.40 27.18
C ASN C 44 31.40 8.06 27.94
N PHE C 45 31.48 8.06 29.29
CA PHE C 45 30.44 8.73 30.09
C PHE C 45 30.41 10.23 29.78
N LEU C 46 31.60 10.84 29.64
CA LEU C 46 31.76 12.25 29.32
C LEU C 46 31.26 12.55 27.90
N ILE C 47 31.52 11.63 26.95
CA ILE C 47 31.02 11.76 25.56
C ILE C 47 29.49 11.71 25.60
N LEU C 48 28.92 10.78 26.40
CA LEU C 48 27.46 10.64 26.54
C LEU C 48 26.82 11.93 27.06
N THR C 49 27.35 12.49 28.16
CA THR C 49 26.78 13.70 28.76
C THR C 49 26.88 14.89 27.79
N GLU C 50 28.00 15.02 27.05
CA GLU C 50 28.16 16.10 26.07
C GLU C 50 27.15 15.91 24.93
N MET C 51 27.06 14.68 24.37
CA MET C 51 26.11 14.35 23.29
C MET C 51 24.67 14.56 23.71
N ALA C 52 24.31 14.14 24.93
CA ALA C 52 22.96 14.26 25.45
C ALA C 52 22.58 15.68 25.77
N THR C 53 23.52 16.53 26.26
CA THR C 53 23.26 17.95 26.52
C THR C 53 23.00 18.66 25.17
N ASN C 54 23.82 18.39 24.15
CA ASN C 54 23.59 18.97 22.82
C ASN C 54 22.23 18.52 22.25
N HIS C 55 21.89 17.21 22.39
CA HIS C 55 20.62 16.69 21.90
CA HIS C 55 20.62 16.70 21.88
C HIS C 55 19.42 17.41 22.54
N VAL C 56 19.49 17.70 23.86
CA VAL C 56 18.38 18.42 24.54
C VAL C 56 18.18 19.78 23.86
N GLN C 57 19.28 20.50 23.60
CA GLN C 57 19.21 21.81 22.94
C GLN C 57 18.55 21.71 21.57
N VAL C 58 18.96 20.71 20.78
CA VAL C 58 18.43 20.50 19.44
C VAL C 58 16.94 20.10 19.52
N LEU C 59 16.59 19.27 20.51
CA LEU C 59 15.22 18.81 20.71
C LEU C 59 14.29 19.98 21.06
N VAL C 60 14.72 20.89 21.94
CA VAL C 60 13.91 22.05 22.31
C VAL C 60 13.66 22.94 21.07
N GLU C 61 14.70 23.14 20.24
CA GLU C 61 14.57 23.94 19.01
C GLU C 61 13.59 23.30 18.02
N PHE C 62 13.64 21.97 17.87
CA PHE C 62 12.74 21.21 17.01
C PHE C 62 11.30 21.28 17.53
N THR C 63 11.13 21.08 18.85
CA THR C 63 9.85 21.08 19.54
C THR C 63 9.13 22.41 19.35
N LYS C 64 9.87 23.51 19.54
CA LYS C 64 9.35 24.88 19.37
C LYS C 64 8.80 25.15 17.97
N LYS C 65 9.34 24.45 16.97
CA LYS C 65 8.92 24.60 15.57
C LYS C 65 7.68 23.77 15.24
N LEU C 66 7.31 22.79 16.09
CA LEU C 66 6.14 21.94 15.84
C LEU C 66 4.86 22.78 15.81
N PRO C 67 4.07 22.71 14.71
CA PRO C 67 2.86 23.55 14.62
C PRO C 67 1.96 23.51 15.84
N GLY C 68 1.74 24.69 16.41
CA GLY C 68 0.88 24.88 17.57
C GLY C 68 1.52 24.67 18.93
N PHE C 69 2.77 24.15 19.00
CA PHE C 69 3.42 23.92 20.30
C PHE C 69 3.48 25.17 21.20
N GLN C 70 3.80 26.33 20.60
CA GLN C 70 3.94 27.62 21.30
C GLN C 70 2.63 28.14 21.87
N THR C 71 1.48 27.65 21.35
CA THR C 71 0.14 28.05 21.80
C THR C 71 -0.32 27.23 23.01
N LEU C 72 0.40 26.16 23.37
CA LEU C 72 0.05 25.32 24.52
C LEU C 72 0.36 26.02 25.83
N ASP C 73 -0.30 25.57 26.93
CA ASP C 73 -0.06 26.07 28.29
C ASP C 73 1.43 25.84 28.60
N HIS C 74 2.09 26.85 29.21
CA HIS C 74 3.53 26.81 29.52
C HIS C 74 3.95 25.64 30.39
N GLU C 75 3.12 25.25 31.37
CA GLU C 75 3.45 24.10 32.22
C GLU C 75 3.35 22.81 31.43
N ASP C 76 2.39 22.73 30.49
CA ASP C 76 2.20 21.56 29.64
C ASP C 76 3.37 21.41 28.67
N GLN C 77 3.91 22.55 28.17
CA GLN C 77 5.10 22.58 27.31
C GLN C 77 6.29 21.93 28.01
N ILE C 78 6.52 22.28 29.29
CA ILE C 78 7.61 21.71 30.10
C ILE C 78 7.38 20.22 30.29
N ALA C 79 6.13 19.82 30.64
CA ALA C 79 5.77 18.41 30.86
C ALA C 79 6.02 17.58 29.60
N LEU C 80 5.69 18.11 28.42
CA LEU C 80 5.90 17.42 27.15
C LEU C 80 7.39 17.25 26.88
N LEU C 81 8.18 18.29 27.15
CA LEU C 81 9.62 18.24 26.94
C LEU C 81 10.30 17.26 27.84
N LYS C 82 9.99 17.33 29.14
CA LYS C 82 10.54 16.42 30.14
C LYS C 82 10.11 14.98 29.93
N GLY C 83 8.88 14.78 29.47
CA GLY C 83 8.34 13.44 29.24
C GLY C 83 8.89 12.74 28.02
N SER C 84 9.39 13.50 27.04
CA SER C 84 9.85 12.92 25.79
C SER C 84 11.35 12.92 25.54
N ALA C 85 12.13 13.72 26.30
CA ALA C 85 13.57 13.88 26.04
C ALA C 85 14.38 12.58 25.98
N VAL C 86 14.20 11.69 26.95
CA VAL C 86 14.91 10.41 26.97
C VAL C 86 14.48 9.54 25.78
N GLU C 87 13.18 9.40 25.55
CA GLU C 87 12.67 8.60 24.44
C GLU C 87 13.21 9.14 23.09
N ALA C 88 13.23 10.47 22.92
CA ALA C 88 13.71 11.06 21.66
C ALA C 88 15.20 10.79 21.44
N MET C 89 15.96 10.80 22.52
CA MET C 89 17.40 10.53 22.48
C MET C 89 17.65 9.07 22.06
N PHE C 90 16.84 8.12 22.55
CA PHE C 90 16.98 6.70 22.17
C PHE C 90 16.51 6.44 20.76
N LEU C 91 15.45 7.12 20.32
CA LEU C 91 14.98 6.98 18.95
C LEU C 91 16.04 7.52 17.98
N ARG C 92 16.67 8.66 18.31
CA ARG C 92 17.73 9.23 17.49
C ARG C 92 18.95 8.30 17.49
N SER C 93 19.29 7.71 18.66
CA SER C 93 20.41 6.76 18.70
C SER C 93 20.10 5.55 17.82
N ALA C 94 18.82 5.09 17.79
CA ALA C 94 18.43 3.94 16.97
C ALA C 94 18.57 4.30 15.49
N GLU C 95 18.21 5.53 15.13
CA GLU C 95 18.33 5.99 13.75
C GLU C 95 19.80 5.96 13.30
N ILE C 96 20.70 6.51 14.13
CA ILE C 96 22.14 6.56 13.85
C ILE C 96 22.68 5.14 13.78
N PHE C 97 22.28 4.27 14.74
CA PHE C 97 22.74 2.88 14.74
C PHE C 97 22.44 2.15 13.44
N ASN C 98 21.27 2.41 12.83
CA ASN C 98 20.81 1.73 11.62
C ASN C 98 21.18 2.39 10.30
N LYS C 99 22.01 3.44 10.31
CA LYS C 99 22.53 4.08 9.08
C LYS C 99 23.59 3.14 8.48
N LYS C 100 23.52 2.91 7.15
CA LYS C 100 24.44 1.99 6.47
C LYS C 100 25.87 2.49 6.50
N LEU C 101 26.80 1.60 6.92
CA LEU C 101 28.22 1.89 7.01
C LEU C 101 29.01 0.85 6.18
N PRO C 102 30.31 1.07 5.85
CA PRO C 102 31.07 0.04 5.12
C PRO C 102 31.12 -1.31 5.87
N SER C 103 31.41 -2.41 5.17
CA SER C 103 31.49 -3.78 5.70
C SER C 103 32.29 -3.86 7.02
N GLY C 104 31.66 -4.47 8.04
CA GLY C 104 32.25 -4.65 9.37
C GLY C 104 32.19 -3.47 10.32
N HIS C 105 31.88 -2.26 9.81
CA HIS C 105 31.81 -1.04 10.63
C HIS C 105 30.68 -1.03 11.66
N SER C 106 29.49 -1.55 11.29
CA SER C 106 28.35 -1.61 12.21
C SER C 106 28.60 -2.61 13.34
N ASP C 107 29.33 -3.70 13.05
CA ASP C 107 29.72 -4.71 14.02
C ASP C 107 30.65 -4.09 15.07
N LEU C 108 31.62 -3.28 14.61
CA LEU C 108 32.57 -2.59 15.50
C LEU C 108 31.84 -1.52 16.31
N LEU C 109 30.91 -0.78 15.69
CA LEU C 109 30.11 0.24 16.37
C LEU C 109 29.33 -0.38 17.54
N GLU C 110 28.66 -1.51 17.27
CA GLU C 110 27.89 -2.27 18.24
C GLU C 110 28.80 -2.75 19.39
N ALA C 111 29.96 -3.36 19.07
CA ALA C 111 30.92 -3.85 20.06
C ALA C 111 31.46 -2.73 20.96
N ARG C 112 31.73 -1.55 20.37
CA ARG C 112 32.21 -0.38 21.10
C ARG C 112 31.16 0.16 22.09
N ILE C 113 29.89 0.21 21.67
CA ILE C 113 28.77 0.66 22.51
C ILE C 113 28.54 -0.35 23.63
N ARG C 114 28.58 -1.67 23.32
CA ARG C 114 28.44 -2.75 24.30
C ARG C 114 29.47 -2.65 25.40
N ASN C 115 30.69 -2.18 25.06
CA ASN C 115 31.78 -2.02 26.02
C ASN C 115 32.01 -0.56 26.49
N SER C 116 31.02 0.31 26.33
CA SER C 116 31.11 1.73 26.69
C SER C 116 31.11 2.04 28.21
N GLY C 117 30.64 1.12 29.03
CA GLY C 117 30.58 1.32 30.48
C GLY C 117 29.20 1.06 31.05
N ILE C 118 28.19 1.05 30.18
CA ILE C 118 26.81 0.74 30.52
C ILE C 118 26.69 -0.70 31.03
N SER C 119 25.79 -0.95 32.01
CA SER C 119 25.57 -2.28 32.59
C SER C 119 24.96 -3.22 31.57
N ASP C 120 25.34 -4.51 31.64
CA ASP C 120 24.88 -5.56 30.71
C ASP C 120 23.35 -5.74 30.72
N GLU C 121 22.70 -5.53 31.86
CA GLU C 121 21.23 -5.63 32.01
C GLU C 121 20.45 -4.63 31.12
N TYR C 122 21.09 -3.53 30.73
CA TYR C 122 20.43 -2.53 29.88
C TYR C 122 20.84 -2.63 28.42
N ILE C 123 21.94 -3.36 28.12
CA ILE C 123 22.49 -3.55 26.78
C ILE C 123 21.56 -4.38 25.90
N THR C 124 21.08 -5.54 26.40
CA THR C 124 20.20 -6.42 25.66
C THR C 124 18.89 -5.71 25.27
N PRO C 125 18.11 -5.05 26.19
CA PRO C 125 16.88 -4.37 25.74
C PRO C 125 17.16 -3.24 24.75
N MET C 126 18.31 -2.57 24.87
CA MET C 126 18.69 -1.45 24.01
C MET C 126 18.96 -1.91 22.58
N PHE C 127 19.78 -2.95 22.42
CA PHE C 127 20.10 -3.47 21.10
C PHE C 127 18.92 -4.17 20.44
N SER C 128 18.10 -4.88 21.24
CA SER C 128 16.88 -5.53 20.74
C SER C 128 16.02 -4.45 20.08
N PHE C 129 15.84 -3.31 20.75
CA PHE C 129 15.09 -2.19 20.20
C PHE C 129 15.74 -1.60 18.94
N TYR C 130 17.04 -1.27 18.97
CA TYR C 130 17.76 -0.72 17.81
C TYR C 130 17.64 -1.64 16.60
N LYS C 131 17.74 -2.98 16.82
CA LYS C 131 17.65 -3.94 15.72
C LYS C 131 16.22 -4.06 15.19
N SER C 132 15.22 -4.02 16.08
CA SER C 132 13.81 -4.07 15.71
C SER C 132 13.40 -2.82 14.94
N ILE C 133 13.94 -1.64 15.31
CA ILE C 133 13.73 -0.36 14.62
C ILE C 133 14.30 -0.46 13.21
N GLY C 134 15.51 -1.01 13.10
CA GLY C 134 16.21 -1.18 11.84
C GLY C 134 15.51 -2.06 10.82
N GLU C 135 14.77 -3.07 11.31
CA GLU C 135 14.03 -3.99 10.45
C GLU C 135 12.80 -3.31 9.82
N LEU C 136 12.33 -2.18 10.38
CA LEU C 136 11.22 -1.40 9.82
C LEU C 136 11.64 -0.61 8.57
N LYS C 137 12.97 -0.42 8.35
CA LYS C 137 13.57 0.29 7.20
C LYS C 137 12.96 1.70 7.04
N MET C 138 12.80 2.43 8.15
CA MET C 138 12.20 3.75 8.17
C MET C 138 13.03 4.75 7.39
N THR C 139 12.36 5.61 6.63
CA THR C 139 13.00 6.69 5.88
C THR C 139 13.26 7.83 6.87
N GLN C 140 14.07 8.81 6.49
CA GLN C 140 14.36 9.99 7.30
C GLN C 140 13.08 10.72 7.75
N GLU C 141 12.08 10.82 6.83
CA GLU C 141 10.78 11.45 7.10
C GLU C 141 10.01 10.74 8.20
N GLU C 142 10.06 9.40 8.19
CA GLU C 142 9.38 8.60 9.20
C GLU C 142 9.98 8.79 10.58
N TYR C 143 11.33 8.92 10.68
CA TYR C 143 12.00 9.20 11.96
C TYR C 143 11.63 10.60 12.45
N ALA C 144 11.60 11.61 11.55
CA ALA C 144 11.27 13.00 11.92
C ALA C 144 9.84 13.07 12.45
N LEU C 145 8.89 12.40 11.76
CA LEU C 145 7.49 12.39 12.18
C LEU C 145 7.29 11.61 13.46
N LEU C 146 7.93 10.43 13.58
CA LEU C 146 7.81 9.64 14.80
C LEU C 146 8.30 10.43 16.03
N THR C 147 9.40 11.20 15.88
CA THR C 147 9.97 12.05 16.95
C THR C 147 8.94 13.11 17.34
N ALA C 148 8.33 13.78 16.35
CA ALA C 148 7.28 14.77 16.61
C ALA C 148 6.08 14.15 17.34
N ILE C 149 5.69 12.93 16.94
CA ILE C 149 4.59 12.18 17.58
C ILE C 149 4.92 11.83 19.05
N VAL C 150 6.17 11.39 19.29
CA VAL C 150 6.68 11.08 20.64
C VAL C 150 6.60 12.34 21.53
N ILE C 151 7.01 13.51 21.01
CA ILE C 151 7.00 14.77 21.78
C ILE C 151 5.56 15.21 22.10
N LEU C 152 4.69 15.14 21.08
CA LEU C 152 3.32 15.56 21.23
C LEU C 152 2.40 14.42 21.75
N SER C 153 2.87 13.67 22.76
CA SER C 153 2.09 12.57 23.35
C SER C 153 1.13 13.13 24.40
N PRO C 154 -0.20 13.03 24.17
CA PRO C 154 -1.14 13.62 25.14
C PRO C 154 -1.24 12.89 26.44
N ASP C 155 -0.76 11.63 26.47
CA ASP C 155 -0.79 10.79 27.64
C ASP C 155 0.38 11.00 28.59
N ARG C 156 1.14 12.11 28.50
CA ARG C 156 2.25 12.33 29.43
C ARG C 156 1.75 12.68 30.82
N GLN C 157 2.55 12.32 31.84
CA GLN C 157 2.27 12.63 33.24
C GLN C 157 2.39 14.16 33.44
N TYR C 158 1.42 14.73 34.20
CA TYR C 158 1.27 16.14 34.57
C TYR C 158 0.61 17.01 33.50
N ILE C 159 0.23 16.44 32.33
CA ILE C 159 -0.47 17.20 31.29
C ILE C 159 -1.86 17.58 31.77
N LYS C 160 -2.17 18.88 31.79
CA LYS C 160 -3.46 19.39 32.25
C LYS C 160 -4.51 19.34 31.15
N ASP C 161 -4.18 19.79 29.92
CA ASP C 161 -5.10 19.80 28.79
C ASP C 161 -4.64 18.83 27.71
N ARG C 162 -5.09 17.57 27.83
CA ARG C 162 -4.75 16.49 26.92
C ARG C 162 -5.29 16.69 25.52
N GLU C 163 -6.54 17.21 25.41
CA GLU C 163 -7.23 17.46 24.15
C GLU C 163 -6.45 18.43 23.26
N ALA C 164 -5.84 19.48 23.84
CA ALA C 164 -5.03 20.45 23.10
C ALA C 164 -3.82 19.75 22.48
N VAL C 165 -3.20 18.80 23.23
CA VAL C 165 -2.06 18.02 22.73
C VAL C 165 -2.52 17.05 21.63
N GLU C 166 -3.64 16.32 21.85
CA GLU C 166 -4.23 15.39 20.86
C GLU C 166 -4.43 16.06 19.52
N LYS C 167 -4.99 17.30 19.52
CA LYS C 167 -5.23 18.10 18.33
C LYS C 167 -3.95 18.40 17.53
N LEU C 168 -2.83 18.58 18.23
CA LEU C 168 -1.55 18.87 17.57
C LEU C 168 -0.90 17.62 17.00
N GLN C 169 -1.12 16.49 17.68
CA GLN C 169 -0.55 15.21 17.31
C GLN C 169 -1.31 14.57 16.14
N GLU C 170 -2.65 14.73 16.09
CA GLU C 170 -3.51 14.11 15.04
C GLU C 170 -3.03 14.39 13.59
N PRO C 171 -2.75 15.64 13.13
CA PRO C 171 -2.26 15.80 11.74
C PRO C 171 -0.92 15.14 11.43
N LEU C 172 -0.04 14.95 12.45
CA LEU C 172 1.25 14.29 12.24
C LEU C 172 1.04 12.78 12.09
N LEU C 173 0.09 12.22 12.86
CA LEU C 173 -0.28 10.80 12.76
C LEU C 173 -0.86 10.50 11.39
N ASP C 174 -1.68 11.42 10.85
CA ASP C 174 -2.30 11.30 9.52
C ASP C 174 -1.24 11.22 8.43
N VAL C 175 -0.23 12.13 8.46
CA VAL C 175 0.89 12.15 7.51
C VAL C 175 1.72 10.86 7.63
N LEU C 176 2.06 10.45 8.86
CA LEU C 176 2.86 9.24 9.03
C LEU C 176 2.15 8.00 8.46
N GLN C 177 0.85 7.84 8.73
CA GLN C 177 0.04 6.73 8.22
C GLN C 177 0.06 6.69 6.69
N LYS C 178 -0.02 7.85 6.02
CA LYS C 178 0.04 7.93 4.56
C LYS C 178 1.42 7.50 4.06
N LEU C 179 2.50 7.96 4.73
CA LEU C 179 3.87 7.60 4.38
C LEU C 179 4.11 6.11 4.48
N CYS C 180 3.57 5.46 5.55
CA CYS C 180 3.67 4.01 5.74
C CYS C 180 2.98 3.27 4.61
N LYS C 181 1.81 3.77 4.15
CA LYS C 181 1.03 3.22 3.03
C LYS C 181 1.75 3.42 1.68
N ILE C 182 2.60 4.47 1.56
CA ILE C 182 3.37 4.79 0.35
C ILE C 182 4.69 4.00 0.30
N HIS C 183 5.51 4.06 1.36
CA HIS C 183 6.82 3.42 1.36
C HIS C 183 6.78 1.90 1.61
N GLN C 184 5.72 1.37 2.22
CA GLN C 184 5.55 -0.08 2.43
C GLN C 184 4.12 -0.54 2.11
N PRO C 185 3.68 -0.50 0.82
CA PRO C 185 2.30 -0.94 0.50
C PRO C 185 2.10 -2.44 0.64
N GLU C 186 3.20 -3.23 0.61
CA GLU C 186 3.17 -4.70 0.76
C GLU C 186 2.92 -5.11 2.21
N ASN C 187 3.26 -4.23 3.18
CA ASN C 187 3.09 -4.46 4.62
C ASN C 187 2.01 -3.50 5.18
N PRO C 188 0.72 -3.91 5.23
CA PRO C 188 -0.33 -3.01 5.74
C PRO C 188 -0.29 -2.78 7.26
N GLN C 189 0.49 -3.60 7.98
CA GLN C 189 0.66 -3.52 9.43
C GLN C 189 1.80 -2.56 9.82
N HIS C 190 2.51 -2.00 8.83
CA HIS C 190 3.66 -1.11 9.06
C HIS C 190 3.39 0.02 10.04
N PHE C 191 2.30 0.79 9.85
CA PHE C 191 1.96 1.92 10.72
C PHE C 191 1.71 1.45 12.15
N ALA C 192 1.00 0.32 12.31
CA ALA C 192 0.74 -0.29 13.62
C ALA C 192 2.06 -0.67 14.31
N CYS C 193 3.03 -1.24 13.56
CA CYS C 193 4.33 -1.58 14.13
C CYS C 193 5.07 -0.35 14.62
N LEU C 194 4.97 0.79 13.89
CA LEU C 194 5.64 2.02 14.32
C LEU C 194 5.06 2.49 15.63
N LEU C 195 3.72 2.51 15.73
CA LEU C 195 3.08 2.96 16.95
C LEU C 195 3.38 2.04 18.13
N GLY C 196 3.54 0.74 17.86
CA GLY C 196 3.93 -0.23 18.89
C GLY C 196 5.31 0.08 19.45
N ARG C 197 6.23 0.63 18.59
CA ARG C 197 7.60 1.04 18.99
C ARG C 197 7.61 2.14 20.04
N LEU C 198 6.60 3.01 20.04
CA LEU C 198 6.43 4.07 21.03
C LEU C 198 6.20 3.52 22.45
N THR C 199 5.52 2.36 22.57
CA THR C 199 5.28 1.71 23.86
C THR C 199 6.60 1.15 24.35
N GLU C 200 7.36 0.49 23.46
CA GLU C 200 8.68 -0.04 23.80
C GLU C 200 9.61 1.09 24.25
N LEU C 201 9.56 2.25 23.54
CA LEU C 201 10.40 3.42 23.88
C LEU C 201 10.16 3.87 25.32
N ARG C 202 8.89 3.84 25.79
CA ARG C 202 8.54 4.25 27.16
C ARG C 202 9.22 3.41 28.25
N THR C 203 9.51 2.12 27.97
CA THR C 203 10.22 1.26 28.94
C THR C 203 11.62 1.82 29.27
N PHE C 204 12.35 2.32 28.26
CA PHE C 204 13.68 2.93 28.45
C PHE C 204 13.64 4.15 29.33
N ASN C 205 12.54 4.91 29.27
CA ASN C 205 12.32 6.10 30.05
C ASN C 205 12.18 5.76 31.54
N HIS C 206 11.53 4.63 31.87
CA HIS C 206 11.35 4.23 33.26
C HIS C 206 12.65 3.92 34.00
N HIS C 207 13.59 3.20 33.36
CA HIS C 207 14.86 2.81 33.99
C HIS C 207 16.10 3.66 33.58
N HIS C 208 15.88 4.86 33.01
N HIS C 208 15.87 4.87 33.02
CA HIS C 208 16.99 5.71 32.57
CA HIS C 208 16.91 5.77 32.52
C HIS C 208 17.91 6.19 33.67
C HIS C 208 17.88 6.26 33.62
N ALA C 209 17.36 6.71 34.79
CA ALA C 209 18.22 7.19 35.89
C ALA C 209 19.16 6.07 36.36
N GLU C 210 18.63 4.82 36.48
CA GLU C 210 19.37 3.61 36.86
C GLU C 210 20.42 3.23 35.80
N MET C 211 20.09 3.38 34.49
CA MET C 211 20.98 3.12 33.35
C MET C 211 22.25 4.00 33.48
N LEU C 212 22.05 5.30 33.76
CA LEU C 212 23.12 6.29 33.87
C LEU C 212 23.94 6.12 35.14
N MET C 213 23.26 5.92 36.28
CA MET C 213 23.90 5.75 37.59
C MET C 213 24.67 4.44 37.72
N SER C 214 24.32 3.42 36.91
CA SER C 214 25.01 2.13 36.93
C SER C 214 26.19 2.07 35.94
N TRP C 215 26.46 3.18 35.22
CA TRP C 215 27.60 3.26 34.30
C TRP C 215 28.85 3.00 35.11
N ARG C 216 29.76 2.10 34.64
CA ARG C 216 30.99 1.70 35.35
C ARG C 216 32.02 2.83 35.49
N VAL C 217 31.67 3.87 36.25
CA VAL C 217 32.54 5.02 36.54
C VAL C 217 32.45 5.35 38.03
N ASN C 218 33.49 6.01 38.57
CA ASN C 218 33.58 6.40 39.98
C ASN C 218 32.61 7.53 40.30
N ASP C 219 32.58 8.56 39.44
CA ASP C 219 31.75 9.76 39.58
C ASP C 219 30.83 9.93 38.39
N HIS C 220 29.55 10.24 38.66
CA HIS C 220 28.54 10.46 37.64
C HIS C 220 28.19 11.94 37.65
N LYS C 221 29.01 12.74 36.96
CA LYS C 221 28.84 14.19 36.86
C LYS C 221 28.00 14.51 35.62
N PHE C 222 26.86 15.20 35.84
CA PHE C 222 25.94 15.60 34.78
C PHE C 222 25.94 17.13 34.66
N THR C 223 25.45 17.66 33.54
CA THR C 223 25.40 19.11 33.32
C THR C 223 24.11 19.66 33.95
N PRO C 224 24.03 20.95 34.35
CA PRO C 224 22.76 21.47 34.90
C PRO C 224 21.54 21.27 33.99
N LEU C 225 21.70 21.31 32.66
CA LEU C 225 20.60 21.09 31.72
C LEU C 225 20.14 19.62 31.77
N LEU C 226 21.08 18.67 31.84
CA LEU C 226 20.73 17.24 31.93
C LEU C 226 20.05 16.93 33.25
N CYS C 227 20.46 17.60 34.35
CA CYS C 227 19.83 17.40 35.66
C CYS C 227 18.36 17.75 35.67
N GLU C 228 17.95 18.75 34.87
CA GLU C 228 16.56 19.18 34.73
C GLU C 228 15.72 18.18 33.95
N ILE C 229 16.28 17.66 32.86
CA ILE C 229 15.64 16.76 31.91
C ILE C 229 15.65 15.29 32.37
N TRP C 230 16.73 14.84 32.98
CA TRP C 230 16.86 13.49 33.47
C TRP C 230 16.54 13.48 34.95
N ASP C 231 16.26 12.33 35.51
CA ASP C 231 15.97 12.31 36.93
C ASP C 231 17.24 11.99 37.72
N VAL C 232 18.25 12.90 37.59
CA VAL C 232 19.59 12.77 38.21
C VAL C 232 20.03 14.06 38.94
N GLN C 233 20.97 13.91 39.90
CA GLN C 233 21.49 15.02 40.72
C GLN C 233 22.93 15.37 40.34
N HIS D 3 12.85 24.46 36.61
CA HIS D 3 13.34 24.16 35.26
C HIS D 3 13.55 25.47 34.49
N GLN D 4 14.39 26.35 35.07
CA GLN D 4 14.67 27.67 34.51
C GLN D 4 15.46 27.61 33.19
N LEU D 5 16.31 26.59 32.98
CA LEU D 5 17.06 26.44 31.72
C LEU D 5 16.13 26.02 30.58
N LEU D 6 15.19 25.11 30.86
CA LEU D 6 14.17 24.64 29.92
C LEU D 6 13.26 25.79 29.54
N ARG D 7 12.82 26.58 30.54
CA ARG D 7 11.96 27.75 30.35
C ARG D 7 12.68 28.82 29.54
N TYR D 8 14.02 28.95 29.70
CA TYR D 8 14.82 29.90 28.93
C TYR D 8 14.92 29.44 27.48
N LEU D 9 15.23 28.13 27.24
CA LEU D 9 15.33 27.58 25.88
C LEU D 9 13.96 27.66 25.17
N LEU D 10 12.87 27.52 25.92
CA LEU D 10 11.52 27.60 25.36
C LEU D 10 11.11 29.03 25.00
N ASP D 11 11.48 30.02 25.85
CA ASP D 11 11.07 31.42 25.68
C ASP D 11 12.02 32.30 24.85
N LYS D 12 13.24 31.83 24.52
CA LYS D 12 14.19 32.62 23.72
C LYS D 12 13.73 32.73 22.24
N ASP D 13 14.26 33.75 21.51
CA ASP D 13 13.94 34.06 20.10
C ASP D 13 12.50 34.52 19.93
C4 9LP E . -3.36 -4.07 -15.12
C5 9LP E . -4.15 -5.08 -14.29
C6 9LP E . -4.42 -4.50 -12.89
C7 9LP E . -5.46 -5.51 -14.99
C8 9LP E . -5.26 -6.32 -16.30
C13 9LP E . -7.52 -5.68 -13.52
C15 9LP E . -6.26 -9.61 -11.78
C17 9LP E . -5.09 -8.33 -13.43
C20 9LP E . -8.17 -3.31 -13.09
C21 9LP E . -8.69 -2.10 -13.51
C22 9LP E . -9.13 -1.98 -14.81
C24 9LP E . -8.54 -4.24 -15.28
C1 9LP E . -3.11 -4.08 -12.17
C2 9LP E . -2.27 -3.10 -13.03
C3 9LP E . -2.02 -3.68 -14.42
O10 9LP E . -4.25 -6.17 -16.96
N28 9LP E . -6.25 -7.17 -16.67
C29 9LP E . -6.15 -7.95 -17.89
C30 9LP E . -7.51 -8.35 -18.45
C31 9LP E . -7.36 -9.06 -19.81
C32 9LP E . -6.39 -10.27 -19.71
C33 9LP E . -5.04 -9.87 -19.09
C34 9LP E . -5.24 -9.17 -17.74
O35 9LP E . -6.13 -10.73 -21.07
S36 9LP E . -6.23 -12.32 -21.62
O37 9LP E . -5.13 -12.43 -22.50
O38 9LP E . -6.06 -13.18 -20.40
O39 9LP E . -7.54 -12.38 -22.13
N9 9LP E . -6.34 -6.21 -14.01
C12 9LP E . -6.12 -7.41 -13.35
C11 9LP E . -7.20 -7.55 -12.49
N14 9LP E . -8.08 -6.46 -12.61
C19 9LP E . -8.09 -4.40 -13.96
C23 9LP E . -9.06 -3.02 -15.70
CL25 9LP E . -9.79 -0.45 -15.34
C18 9LP E . -7.29 -8.70 -11.69
C16 9LP E . -5.21 -9.44 -12.63
F26 9LP E . -4.25 -10.38 -12.68
F27 9LP E . -6.30 -10.73 -11.02
C4 9LP F . 27.40 7.81 24.10
C5 9LP F . 26.84 7.02 22.92
C6 9LP F . 27.07 5.51 23.15
C7 9LP F . 25.33 7.35 22.67
C8 9LP F . 25.14 8.74 22.00
C13 9LP F . 23.71 5.40 22.47
C15 9LP F . 24.65 4.70 18.16
C17 9LP F . 25.59 6.39 19.57
C20 9LP F . 23.54 4.38 24.74
C21 9LP F . 23.16 4.42 26.08
C22 9LP F . 22.52 5.55 26.54
C24 9LP F . 22.66 6.57 24.40
C1 9LP F . 28.57 5.17 23.35
C2 9LP F . 29.17 5.99 24.52
C3 9LP F . 28.92 7.51 24.33
O10 9LP F . 26.08 9.52 21.88
N28 9LP F . 23.89 9.03 21.59
C29 9LP F . 23.58 10.31 20.94
C30 9LP F . 22.10 10.65 21.00
C31 9LP F . 21.82 12.06 20.44
C32 9LP F . 22.44 12.29 19.05
C33 9LP F . 23.91 11.81 18.96
C34 9LP F . 24.09 10.38 19.52
O35 9LP F . 22.48 13.76 18.85
S36 9LP F . 21.80 14.56 17.53
O37 9LP F . 22.39 15.85 17.58
O38 9LP F . 22.26 13.78 16.34
O39 9LP F . 20.41 14.40 17.74
N9 9LP F . 24.64 6.26 21.93
C12 9LP F . 24.80 5.88 20.59
C11 9LP F . 23.96 4.80 20.41
N14 9LP F . 23.29 4.50 21.61
C19 9LP F . 23.29 5.45 23.89
C23 9LP F . 22.27 6.63 25.73
CL25 9LP F . 22.04 5.62 28.22
C18 9LP F . 23.87 4.19 19.17
C16 9LP F . 25.49 5.77 18.35
F26 9LP F . 26.23 6.21 17.31
F27 9LP F . 24.61 4.13 16.93
#